data_2GZS
#
_entry.id   2GZS
#
_cell.length_a   36.295
_cell.length_b   38.361
_cell.length_c   44.631
_cell.angle_alpha   113.10
_cell.angle_beta   93.99
_cell.angle_gamma   98.08
#
_symmetry.space_group_name_H-M   'P 1'
#
loop_
_entity.id
_entity.type
_entity.pdbx_description
1 polymer 'IroE protein'
2 non-polymer 'DIISOPROPYL PHOSPHONATE'
3 water water
#
_entity_poly.entity_id   1
_entity_poly.type   'polypeptide(L)'
_entity_poly.pdbx_seq_one_letter_code
;PNIADKGSVFYHFSATSFDSVDGTRHYRVWTAVPNTTAPASGYPILY(MSE)LDGNAV(MSE)DRLDDELLKQLSEKTPP
VIVAVGYQTNLPFDLNSRAYDYTPAAESRKTDLHSGRFSRKSGGSNNFRQLLETRIAPKVEQGLNIDRQRRGLWGHSYGG
LFVLDSWLSSSYFRSYYSASPSLGRGYDALLSRVTAVEPLQFCTKHLAI(MSE)EGSATQGDNRETHAVGVLSKIHTTLT
ILKDKGVNAVFWDFPNLGHGP(MSE)FNASFRQALLDISGENANYTAGCHELSH
;
_entity_poly.pdbx_strand_id   A
#
loop_
_chem_comp.id
_chem_comp.type
_chem_comp.name
_chem_comp.formula
DFP non-polymer 'DIISOPROPYL PHOSPHONATE' 'C6 H15 O3 P'
#
# COMPACT_ATOMS: atom_id res chain seq x y z
N PRO A 1 11.12 4.08 -11.86
CA PRO A 1 10.34 4.81 -12.86
C PRO A 1 10.69 4.39 -14.28
N ASN A 2 11.94 3.92 -14.38
CA ASN A 2 12.46 3.71 -15.73
C ASN A 2 11.62 2.65 -16.43
N ILE A 3 11.02 1.62 -15.84
CA ILE A 3 10.22 0.77 -16.76
C ILE A 3 9.07 1.55 -17.34
N ALA A 4 8.58 2.56 -16.63
CA ALA A 4 7.58 3.42 -17.24
C ALA A 4 8.07 4.18 -18.47
N ASP A 5 9.34 4.59 -18.43
CA ASP A 5 9.95 5.35 -19.50
C ASP A 5 10.24 4.43 -20.68
N LYS A 6 10.66 3.20 -20.36
CA LYS A 6 11.01 2.22 -21.39
C LYS A 6 9.80 1.55 -22.00
N GLY A 7 8.73 1.29 -21.25
CA GLY A 7 7.59 0.58 -21.87
C GLY A 7 7.69 -0.92 -21.67
N SER A 8 6.56 -1.62 -21.73
CA SER A 8 6.52 -3.05 -21.58
C SER A 8 5.51 -3.64 -22.57
N VAL A 9 5.82 -4.86 -23.04
CA VAL A 9 4.81 -5.43 -23.91
C VAL A 9 3.58 -5.79 -23.13
N PHE A 10 3.62 -5.91 -21.77
CA PHE A 10 2.50 -6.38 -21.01
C PHE A 10 1.57 -5.25 -20.48
N TYR A 11 2.14 -4.06 -20.40
CA TYR A 11 1.50 -2.93 -19.69
C TYR A 11 1.92 -1.62 -20.33
N HIS A 12 1.08 -0.59 -20.26
CA HIS A 12 1.44 0.75 -20.70
C HIS A 12 1.35 1.71 -19.50
N PHE A 13 2.13 2.74 -19.58
CA PHE A 13 2.30 3.58 -18.38
C PHE A 13 2.04 5.04 -18.69
N SER A 14 1.55 5.74 -17.65
CA SER A 14 1.56 7.20 -17.76
C SER A 14 1.97 7.77 -16.42
N ALA A 15 2.38 9.03 -16.35
CA ALA A 15 2.81 9.61 -15.07
C ALA A 15 2.05 10.93 -14.86
N THR A 16 1.64 11.25 -13.64
CA THR A 16 0.94 12.49 -13.33
C THR A 16 1.58 13.07 -12.06
N SER A 17 1.36 14.36 -11.84
CA SER A 17 2.04 15.01 -10.70
C SER A 17 0.93 15.67 -9.86
N PHE A 18 1.22 15.72 -8.53
CA PHE A 18 0.29 16.37 -7.63
C PHE A 18 1.12 17.10 -6.56
N ASP A 19 0.55 18.05 -5.84
CA ASP A 19 1.25 18.74 -4.76
C ASP A 19 0.46 18.54 -3.49
N SER A 20 1.17 18.50 -2.35
CA SER A 20 0.40 18.58 -1.11
C SER A 20 -0.32 19.93 -0.93
N VAL A 21 -1.35 19.89 -0.04
CA VAL A 21 -1.96 21.23 0.20
C VAL A 21 -1.03 22.24 0.82
N ASP A 22 -0.04 21.80 1.63
CA ASP A 22 0.87 22.82 2.15
C ASP A 22 1.92 23.28 1.19
N GLY A 23 1.90 22.72 -0.03
CA GLY A 23 2.84 23.13 -1.06
C GLY A 23 4.26 22.66 -0.92
N THR A 24 4.60 21.81 0.04
CA THR A 24 5.99 21.50 0.28
C THR A 24 6.37 20.07 -0.10
N ARG A 25 5.42 19.23 -0.41
CA ARG A 25 5.68 17.86 -0.87
C ARG A 25 5.07 17.73 -2.27
N HIS A 26 5.79 17.01 -3.15
CA HIS A 26 5.47 17.01 -4.59
C HIS A 26 5.46 15.56 -5.06
N TYR A 27 4.32 15.10 -5.54
CA TYR A 27 4.07 13.67 -5.84
C TYR A 27 4.28 13.39 -7.32
N ARG A 28 4.80 12.20 -7.59
CA ARG A 28 4.93 11.70 -8.98
C ARG A 28 4.22 10.38 -9.02
N VAL A 29 3.13 10.23 -9.78
CA VAL A 29 2.26 9.06 -9.67
C VAL A 29 2.29 8.35 -11.03
N TRP A 30 2.70 7.10 -10.99
CA TRP A 30 2.71 6.30 -12.24
C TRP A 30 1.50 5.37 -12.22
N THR A 31 0.80 5.33 -13.34
CA THR A 31 -0.29 4.39 -13.53
C THR A 31 0.09 3.37 -14.60
N ALA A 32 0.13 2.09 -14.28
CA ALA A 32 0.46 1.01 -15.17
C ALA A 32 -0.83 0.26 -15.47
N VAL A 33 -1.25 0.26 -16.77
CA VAL A 33 -2.50 -0.36 -17.17
C VAL A 33 -2.17 -1.61 -18.00
N PRO A 34 -2.77 -2.74 -17.72
CA PRO A 34 -2.46 -3.96 -18.51
C PRO A 34 -2.82 -3.74 -19.99
N ASN A 35 -2.01 -4.37 -20.83
CA ASN A 35 -2.33 -4.35 -22.27
C ASN A 35 -3.25 -5.49 -22.63
N THR A 36 -3.47 -6.43 -21.74
CA THR A 36 -4.50 -7.45 -21.98
C THR A 36 -5.81 -6.86 -21.51
N THR A 37 -6.88 -7.29 -22.15
CA THR A 37 -8.22 -6.71 -21.93
C THR A 37 -8.77 -6.98 -20.53
N ALA A 38 -9.43 -6.03 -19.92
CA ALA A 38 -9.94 -6.15 -18.54
C ALA A 38 -11.09 -7.12 -18.47
N PRO A 39 -11.29 -7.81 -17.36
CA PRO A 39 -12.53 -8.60 -17.24
C PRO A 39 -13.72 -7.68 -17.35
N ALA A 40 -14.95 -8.21 -17.63
CA ALA A 40 -16.05 -7.27 -17.76
C ALA A 40 -16.32 -6.42 -16.53
N SER A 41 -16.02 -7.04 -15.36
CA SER A 41 -16.27 -6.24 -14.14
C SER A 41 -15.10 -5.27 -13.85
N GLY A 42 -14.05 -5.32 -14.64
CA GLY A 42 -13.01 -4.28 -14.50
C GLY A 42 -11.71 -4.87 -13.94
N TYR A 43 -10.65 -4.04 -14.10
CA TYR A 43 -9.37 -4.43 -13.52
C TYR A 43 -9.36 -4.27 -11.99
N PRO A 44 -8.73 -5.22 -11.31
CA PRO A 44 -8.38 -4.90 -9.89
C PRO A 44 -7.38 -3.77 -9.94
N ILE A 45 -7.19 -3.05 -8.79
CA ILE A 45 -6.23 -1.96 -8.86
C ILE A 45 -5.48 -1.88 -7.51
N LEU A 46 -4.16 -1.71 -7.57
CA LEU A 46 -3.42 -1.70 -6.30
C LEU A 46 -2.64 -0.37 -6.26
N TYR A 47 -2.90 0.42 -5.22
CA TYR A 47 -2.23 1.67 -4.94
C TYR A 47 -1.02 1.38 -4.02
N MSE A 48 0.15 1.83 -4.39
CA MSE A 48 1.36 1.41 -3.72
C MSE A 48 2.19 2.62 -3.30
O MSE A 48 2.52 3.48 -4.09
CB MSE A 48 2.20 0.55 -4.72
CG MSE A 48 1.29 -0.65 -5.16
SE MSE A 48 2.29 -1.99 -6.16
CE MSE A 48 2.89 -0.37 -6.94
N LEU A 49 2.50 2.64 -1.98
CA LEU A 49 3.34 3.74 -1.52
C LEU A 49 4.83 3.53 -1.89
N ASP A 50 5.66 4.52 -1.58
CA ASP A 50 7.05 4.50 -2.02
C ASP A 50 7.18 4.21 -3.50
N GLY A 51 6.38 4.92 -4.29
CA GLY A 51 6.19 4.52 -5.70
C GLY A 51 7.46 4.62 -6.46
N ASN A 52 8.41 5.49 -6.19
CA ASN A 52 9.64 5.55 -6.99
C ASN A 52 10.38 4.20 -6.86
N ALA A 53 10.40 3.64 -5.66
CA ALA A 53 11.18 2.41 -5.41
C ALA A 53 10.47 1.22 -6.02
N VAL A 54 9.11 1.21 -5.94
CA VAL A 54 8.34 0.18 -6.61
C VAL A 54 8.64 0.25 -8.13
N MSE A 55 8.61 1.43 -8.71
CA MSE A 55 8.86 1.46 -10.18
C MSE A 55 10.26 1.01 -10.53
O MSE A 55 10.39 0.37 -11.58
CB MSE A 55 8.63 2.87 -10.72
CG MSE A 55 7.12 3.21 -10.62
SE MSE A 55 5.97 2.09 -11.70
CE MSE A 55 6.74 2.53 -13.30
N ASP A 56 11.24 1.32 -9.72
CA ASP A 56 12.59 0.86 -9.99
C ASP A 56 12.66 -0.66 -9.91
N ARG A 57 11.80 -1.35 -9.22
CA ARG A 57 11.90 -2.83 -9.00
C ARG A 57 10.91 -3.53 -9.91
N LEU A 58 10.02 -2.83 -10.62
CA LEU A 58 9.03 -3.48 -11.46
C LEU A 58 9.72 -4.01 -12.71
N ASP A 59 9.42 -5.27 -13.06
CA ASP A 59 10.17 -5.82 -14.20
C ASP A 59 9.19 -6.68 -15.01
N ASP A 60 9.69 -7.03 -16.21
CA ASP A 60 8.80 -7.73 -17.12
C ASP A 60 8.43 -9.11 -16.57
N GLU A 61 9.30 -9.81 -15.82
CA GLU A 61 8.91 -11.15 -15.34
C GLU A 61 7.70 -11.03 -14.41
N LEU A 62 7.63 -10.03 -13.51
CA LEU A 62 6.45 -9.88 -12.69
C LEU A 62 5.22 -9.52 -13.54
N LEU A 63 5.40 -8.60 -14.48
CA LEU A 63 4.24 -8.24 -15.32
C LEU A 63 3.69 -9.43 -16.13
N LYS A 64 4.63 -10.26 -16.60
CA LYS A 64 4.22 -11.48 -17.30
C LYS A 64 3.41 -12.37 -16.40
N GLN A 65 3.89 -12.58 -15.14
CA GLN A 65 3.15 -13.47 -14.26
C GLN A 65 1.78 -12.95 -13.84
N LEU A 66 1.73 -11.60 -13.58
CA LEU A 66 0.44 -10.99 -13.33
C LEU A 66 -0.58 -11.19 -14.44
N SER A 67 0.03 -11.18 -15.65
CA SER A 67 -0.86 -11.32 -16.81
C SER A 67 -1.31 -12.76 -17.00
N GLU A 68 -0.83 -13.72 -16.20
CA GLU A 68 -1.32 -15.11 -16.31
C GLU A 68 -2.68 -15.24 -15.67
N LYS A 69 -3.01 -14.35 -14.74
CA LYS A 69 -4.27 -14.36 -14.03
C LYS A 69 -5.03 -13.10 -14.41
N THR A 70 -5.47 -12.28 -13.52
CA THR A 70 -6.16 -11.03 -13.82
C THR A 70 -5.23 -9.84 -13.54
N PRO A 71 -4.43 -9.36 -14.44
CA PRO A 71 -3.41 -8.33 -14.12
C PRO A 71 -4.12 -7.08 -13.64
N PRO A 72 -3.56 -6.51 -12.55
CA PRO A 72 -4.17 -5.28 -12.03
C PRO A 72 -3.63 -4.01 -12.66
N VAL A 73 -4.44 -2.95 -12.55
CA VAL A 73 -3.85 -1.61 -12.66
C VAL A 73 -2.94 -1.33 -11.44
N ILE A 74 -1.79 -0.77 -11.72
CA ILE A 74 -0.83 -0.51 -10.61
C ILE A 74 -0.68 1.00 -10.53
N VAL A 75 -0.89 1.58 -9.36
CA VAL A 75 -0.73 3.02 -9.17
C VAL A 75 0.42 3.19 -8.19
N ALA A 76 1.58 3.63 -8.65
CA ALA A 76 2.73 3.78 -7.75
C ALA A 76 2.79 5.25 -7.36
N VAL A 77 2.54 5.48 -6.04
CA VAL A 77 2.42 6.89 -5.58
C VAL A 77 3.80 7.27 -5.03
N GLY A 78 4.57 8.02 -5.80
CA GLY A 78 5.92 8.41 -5.41
C GLY A 78 6.08 9.92 -5.28
N TYR A 79 7.30 10.33 -5.35
CA TYR A 79 7.67 11.73 -5.13
C TYR A 79 8.47 12.27 -6.27
N GLN A 80 8.53 13.58 -6.43
CA GLN A 80 9.34 14.17 -7.51
C GLN A 80 10.78 14.23 -7.05
N THR A 81 11.46 13.10 -7.22
CA THR A 81 12.85 12.95 -6.76
C THR A 81 13.55 11.97 -7.65
N ASN A 82 14.89 12.06 -7.69
CA ASN A 82 15.59 11.06 -8.50
C ASN A 82 16.11 9.93 -7.62
N LEU A 83 15.81 9.95 -6.33
CA LEU A 83 16.18 8.84 -5.45
C LEU A 83 15.01 7.89 -5.26
N PRO A 84 15.22 6.68 -4.79
CA PRO A 84 14.13 5.73 -4.65
C PRO A 84 13.11 6.09 -3.56
N PHE A 85 13.55 6.86 -2.57
CA PHE A 85 12.64 7.33 -1.51
C PHE A 85 12.79 8.81 -1.28
N ASP A 86 11.64 9.39 -0.81
CA ASP A 86 11.77 10.77 -0.26
C ASP A 86 11.56 10.58 1.24
N LEU A 87 12.70 10.48 1.92
CA LEU A 87 12.64 10.02 3.30
C LEU A 87 11.95 11.04 4.21
N ASN A 88 12.19 12.32 3.94
CA ASN A 88 11.51 13.32 4.75
C ASN A 88 10.00 13.32 4.55
N SER A 89 9.64 13.33 3.25
CA SER A 89 8.22 13.46 2.94
C SER A 89 7.42 12.25 3.39
N ARG A 90 7.98 11.03 3.20
CA ARG A 90 7.22 9.86 3.58
C ARG A 90 7.03 9.70 5.10
N ALA A 91 8.08 10.18 5.83
CA ALA A 91 7.95 10.12 7.30
C ALA A 91 6.76 10.99 7.79
N TYR A 92 6.50 12.05 7.04
CA TYR A 92 5.32 12.89 7.37
C TYR A 92 4.03 12.25 6.87
N ASP A 93 4.05 11.97 5.53
CA ASP A 93 2.77 11.54 4.94
C ASP A 93 2.22 10.24 5.42
N TYR A 94 3.13 9.30 5.85
CA TYR A 94 2.69 7.94 6.12
C TYR A 94 2.38 7.65 7.57
N THR A 95 2.69 8.64 8.42
CA THR A 95 2.58 8.33 9.84
C THR A 95 1.39 8.98 10.55
N PRO A 96 0.74 8.29 11.47
CA PRO A 96 -0.36 8.85 12.28
C PRO A 96 0.29 9.57 13.48
N ALA A 97 -0.48 10.30 14.25
CA ALA A 97 -0.01 10.96 15.47
C ALA A 97 0.87 10.15 16.41
N ALA A 98 0.43 8.95 16.72
CA ALA A 98 0.97 8.01 17.69
C ALA A 98 2.43 7.71 17.43
N GLU A 99 2.86 7.78 16.16
CA GLU A 99 4.26 7.43 15.89
C GLU A 99 5.24 8.33 16.65
N SER A 100 4.92 9.54 17.11
CA SER A 100 5.87 10.40 17.80
C SER A 100 5.60 10.51 19.30
N ARG A 101 4.84 9.59 19.83
CA ARG A 101 4.56 9.61 21.28
C ARG A 101 5.83 9.35 22.10
N LYS A 102 6.08 10.21 23.10
CA LYS A 102 7.19 9.98 24.03
C LYS A 102 8.55 9.79 23.35
N THR A 103 8.87 10.70 22.45
CA THR A 103 10.16 10.64 21.74
C THR A 103 10.58 11.99 21.24
N ASP A 104 11.89 12.14 20.98
CA ASP A 104 12.20 13.38 20.24
C ASP A 104 12.82 13.03 18.89
N LEU A 105 12.47 11.86 18.40
CA LEU A 105 12.98 11.48 17.07
C LEU A 105 12.43 12.44 16.02
N HIS A 106 11.20 12.85 16.28
CA HIS A 106 10.56 13.78 15.34
C HIS A 106 10.49 15.16 16.03
N ARG A 112 12.89 14.86 11.09
CA ARG A 112 11.71 14.65 10.23
C ARG A 112 10.39 14.72 10.99
N LYS A 113 9.44 15.59 10.61
CA LYS A 113 8.16 15.69 11.30
C LYS A 113 7.27 14.50 10.94
N SER A 114 6.37 14.11 11.77
CA SER A 114 5.39 13.04 11.64
C SER A 114 3.95 13.51 11.69
N GLY A 115 3.00 12.62 11.38
CA GLY A 115 1.60 12.86 11.67
C GLY A 115 0.75 13.30 10.51
N GLY A 116 1.25 13.19 9.29
CA GLY A 116 0.50 13.67 8.13
C GLY A 116 -0.42 12.63 7.51
N SER A 117 -0.64 11.46 8.10
CA SER A 117 -1.39 10.40 7.40
C SER A 117 -2.77 10.87 7.01
N ASN A 118 -3.52 11.62 7.84
CA ASN A 118 -4.90 11.91 7.41
C ASN A 118 -4.88 12.86 6.26
N ASN A 119 -3.97 13.82 6.21
CA ASN A 119 -3.98 14.73 5.04
C ASN A 119 -3.51 14.01 3.80
N PHE A 120 -2.58 13.04 3.95
CA PHE A 120 -2.13 12.30 2.76
C PHE A 120 -3.28 11.40 2.31
N ARG A 121 -4.01 10.78 3.19
CA ARG A 121 -5.17 9.95 2.79
C ARG A 121 -6.18 10.84 2.06
N GLN A 122 -6.45 12.07 2.51
CA GLN A 122 -7.42 12.90 1.77
C GLN A 122 -6.88 13.18 0.40
N LEU A 123 -5.62 13.48 0.22
CA LEU A 123 -5.02 13.70 -1.09
C LEU A 123 -5.23 12.44 -1.94
N LEU A 124 -4.89 11.29 -1.37
CA LEU A 124 -4.93 10.01 -2.14
C LEU A 124 -6.32 9.69 -2.56
N GLU A 125 -7.29 9.73 -1.66
CA GLU A 125 -8.67 9.25 -1.94
C GLU A 125 -9.52 10.26 -2.69
N THR A 126 -9.29 11.56 -2.46
CA THR A 126 -10.18 12.52 -3.14
C THR A 126 -9.55 13.21 -4.32
N ARG A 127 -8.23 13.12 -4.50
CA ARG A 127 -7.56 13.83 -5.60
C ARG A 127 -6.84 12.84 -6.53
N ILE A 128 -5.94 12.02 -5.97
CA ILE A 128 -5.16 11.14 -6.86
C ILE A 128 -6.02 10.01 -7.40
N ALA A 129 -6.69 9.24 -6.60
CA ALA A 129 -7.41 8.05 -7.09
C ALA A 129 -8.47 8.47 -8.11
N PRO A 130 -9.33 9.46 -7.86
CA PRO A 130 -10.36 9.80 -8.84
C PRO A 130 -9.78 10.21 -10.18
N LYS A 131 -8.61 10.82 -10.15
CA LYS A 131 -8.01 11.24 -11.40
C LYS A 131 -7.45 10.02 -12.11
N VAL A 132 -6.65 9.17 -11.44
CA VAL A 132 -5.99 8.12 -12.23
C VAL A 132 -7.00 7.04 -12.64
N GLU A 133 -8.15 6.88 -12.00
CA GLU A 133 -9.14 5.89 -12.42
C GLU A 133 -10.05 6.38 -13.56
N GLN A 134 -10.01 7.69 -13.88
CA GLN A 134 -10.84 8.18 -14.97
C GLN A 134 -10.45 7.48 -16.25
N GLY A 135 -11.50 7.08 -16.99
CA GLY A 135 -11.17 6.46 -18.26
C GLY A 135 -10.78 5.00 -18.15
N LEU A 136 -10.87 4.41 -16.96
CA LEU A 136 -10.55 2.97 -16.84
C LEU A 136 -11.71 2.20 -16.26
N ASN A 137 -11.86 0.95 -16.74
CA ASN A 137 -12.83 0.07 -16.14
C ASN A 137 -12.17 -0.62 -14.91
N ILE A 138 -12.51 -0.08 -13.76
CA ILE A 138 -11.91 -0.56 -12.50
C ILE A 138 -12.94 -1.33 -11.70
N ASP A 139 -12.55 -2.50 -11.21
CA ASP A 139 -13.40 -3.25 -10.31
C ASP A 139 -13.26 -2.68 -8.89
N ARG A 140 -14.25 -1.90 -8.53
CA ARG A 140 -14.02 -1.15 -7.27
C ARG A 140 -13.97 -2.07 -6.09
N GLN A 141 -14.59 -3.24 -6.18
CA GLN A 141 -14.52 -4.17 -5.03
C GLN A 141 -13.14 -4.76 -4.88
N ARG A 142 -12.22 -4.53 -5.81
CA ARG A 142 -10.90 -5.11 -5.89
C ARG A 142 -9.89 -3.96 -5.85
N ARG A 143 -10.19 -2.90 -5.14
CA ARG A 143 -9.24 -1.79 -4.93
C ARG A 143 -8.39 -2.06 -3.69
N GLY A 144 -7.08 -2.08 -3.89
CA GLY A 144 -6.20 -2.39 -2.72
C GLY A 144 -5.17 -1.29 -2.56
N LEU A 145 -4.57 -1.34 -1.33
CA LEU A 145 -3.55 -0.38 -0.87
C LEU A 145 -2.38 -1.17 -0.29
N TRP A 146 -1.17 -0.85 -0.62
CA TRP A 146 0.04 -1.51 -0.06
C TRP A 146 1.03 -0.45 0.36
N GLY A 147 1.74 -0.82 1.48
CA GLY A 147 2.90 -0.03 1.91
C GLY A 147 3.79 -0.83 2.87
N HIS A 148 5.06 -0.36 2.90
CA HIS A 148 6.05 -1.05 3.73
C HIS A 148 6.67 -0.09 4.75
N SER A 149 6.84 -0.67 5.95
CA SER A 149 7.57 0.08 7.03
C SER A 149 6.70 1.28 7.43
N TYR A 150 7.15 2.54 7.30
CA TYR A 150 6.15 3.59 7.53
C TYR A 150 4.94 3.42 6.62
N GLY A 151 5.17 2.93 5.41
CA GLY A 151 4.02 2.68 4.51
C GLY A 151 3.10 1.64 5.12
N GLY A 152 3.62 0.66 5.89
CA GLY A 152 2.77 -0.34 6.50
C GLY A 152 1.91 0.26 7.62
N LEU A 153 2.49 1.26 8.34
CA LEU A 153 1.68 1.98 9.32
C LEU A 153 0.52 2.74 8.65
N PHE A 154 0.86 3.35 7.52
CA PHE A 154 -0.18 4.10 6.79
C PHE A 154 -1.31 3.16 6.40
N VAL A 155 -0.96 1.92 5.96
CA VAL A 155 -2.05 1.00 5.57
C VAL A 155 -2.95 0.64 6.72
N LEU A 156 -2.37 0.38 7.92
CA LEU A 156 -3.19 0.10 9.13
C LEU A 156 -4.08 1.30 9.48
N ASP A 157 -3.51 2.48 9.45
CA ASP A 157 -4.22 3.73 9.71
C ASP A 157 -5.42 3.86 8.76
N SER A 158 -5.18 3.46 7.51
CA SER A 158 -6.22 3.60 6.48
C SER A 158 -7.24 2.48 6.65
N TRP A 159 -6.84 1.26 7.01
CA TRP A 159 -7.83 0.19 7.27
C TRP A 159 -8.77 0.64 8.38
N LEU A 160 -8.28 1.41 9.36
CA LEU A 160 -9.12 1.93 10.46
C LEU A 160 -10.06 3.01 9.99
N SER A 161 -9.66 3.83 9.03
CA SER A 161 -10.44 5.05 8.78
C SER A 161 -11.09 5.09 7.40
N SER A 162 -10.69 4.30 6.45
CA SER A 162 -11.08 4.53 5.04
C SER A 162 -12.32 3.72 4.70
N SER A 163 -13.15 4.22 3.79
CA SER A 163 -14.14 3.34 3.14
C SER A 163 -13.80 3.16 1.67
N TYR A 164 -12.64 3.59 1.22
CA TYR A 164 -12.34 3.66 -0.21
C TYR A 164 -11.71 2.38 -0.73
N PHE A 165 -10.84 1.77 0.08
CA PHE A 165 -10.18 0.56 -0.33
C PHE A 165 -10.84 -0.70 0.21
N ARG A 166 -10.73 -1.83 -0.48
CA ARG A 166 -11.26 -3.08 0.02
C ARG A 166 -10.18 -4.01 0.54
N SER A 167 -8.96 -3.89 0.02
CA SER A 167 -7.88 -4.76 0.47
C SER A 167 -6.70 -3.91 0.96
N TYR A 168 -6.18 -4.34 2.12
CA TYR A 168 -5.14 -3.51 2.78
C TYR A 168 -3.91 -4.39 3.02
N TYR A 169 -2.79 -4.16 2.40
CA TYR A 169 -1.61 -5.00 2.55
C TYR A 169 -0.54 -4.16 3.31
N SER A 170 -0.41 -4.54 4.58
CA SER A 170 0.45 -3.79 5.49
C SER A 170 1.76 -4.56 5.70
N ALA A 171 2.81 -4.05 5.12
CA ALA A 171 4.09 -4.79 5.19
C ALA A 171 5.08 -4.16 6.19
N SER A 172 5.66 -5.05 7.02
CA SER A 172 6.62 -4.63 8.06
C SER A 172 6.18 -3.47 8.97
N PRO A 173 4.92 -3.41 9.39
CA PRO A 173 4.54 -2.30 10.30
C PRO A 173 5.26 -2.48 11.65
N SER A 174 5.70 -3.68 11.96
CA SER A 174 6.39 -3.93 13.26
C SER A 174 7.65 -3.08 13.30
N LEU A 175 8.19 -2.49 12.27
CA LEU A 175 9.38 -1.63 12.31
C LEU A 175 9.09 -0.25 12.93
N GLY A 176 7.80 0.09 13.04
CA GLY A 176 7.39 1.46 13.49
C GLY A 176 7.24 1.58 14.99
N ARG A 177 7.61 2.80 15.49
CA ARG A 177 7.44 2.98 16.94
C ARG A 177 5.99 2.85 17.41
N GLY A 178 5.06 3.27 16.55
CA GLY A 178 3.68 3.21 17.07
C GLY A 178 2.91 2.01 16.55
N TYR A 179 3.66 0.93 16.21
CA TYR A 179 3.03 -0.32 15.78
C TYR A 179 2.03 -0.84 16.78
N ASP A 180 2.43 -0.98 18.06
CA ASP A 180 1.53 -1.54 19.04
C ASP A 180 0.34 -0.61 19.26
N ALA A 181 0.59 0.69 19.20
CA ALA A 181 -0.60 1.58 19.40
C ALA A 181 -1.63 1.41 18.30
N LEU A 182 -1.12 1.23 17.07
CA LEU A 182 -2.01 0.94 15.93
C LEU A 182 -2.63 -0.41 16.03
N LEU A 183 -1.89 -1.45 16.41
CA LEU A 183 -2.59 -2.74 16.61
C LEU A 183 -3.71 -2.72 17.65
N SER A 184 -3.48 -1.95 18.71
CA SER A 184 -4.44 -1.73 19.78
C SER A 184 -5.70 -1.10 19.21
N ARG A 185 -5.53 -0.15 18.28
CA ARG A 185 -6.76 0.38 17.65
C ARG A 185 -7.40 -0.62 16.71
N VAL A 186 -6.57 -1.36 15.98
CA VAL A 186 -7.10 -2.35 15.03
C VAL A 186 -7.96 -3.38 15.71
N THR A 187 -7.51 -3.92 16.86
CA THR A 187 -8.26 -4.99 17.46
C THR A 187 -9.42 -4.43 18.33
N ALA A 188 -9.53 -3.13 18.48
CA ALA A 188 -10.60 -2.53 19.25
C ALA A 188 -11.88 -2.25 18.43
N VAL A 189 -11.78 -2.52 17.10
CA VAL A 189 -12.92 -2.11 16.27
C VAL A 189 -14.18 -2.83 16.63
N GLU A 190 -15.33 -2.22 16.29
CA GLU A 190 -16.60 -2.90 16.61
C GLU A 190 -16.87 -4.13 15.77
N PRO A 191 -17.55 -5.13 16.26
CA PRO A 191 -17.90 -6.32 15.47
C PRO A 191 -18.56 -5.93 14.17
N LEU A 192 -18.17 -6.58 13.10
CA LEU A 192 -18.83 -6.59 11.80
C LEU A 192 -18.61 -5.32 10.99
N GLN A 193 -18.27 -4.20 11.58
CA GLN A 193 -18.22 -2.97 10.76
C GLN A 193 -17.07 -3.00 9.79
N PHE A 194 -16.02 -3.82 10.04
CA PHE A 194 -14.86 -3.85 9.15
C PHE A 194 -14.87 -5.08 8.28
N CYS A 195 -16.05 -5.75 8.21
CA CYS A 195 -16.15 -6.98 7.41
C CYS A 195 -15.87 -6.79 5.93
N THR A 196 -16.04 -5.62 5.35
CA THR A 196 -15.73 -5.50 3.91
C THR A 196 -14.31 -5.05 3.63
N LYS A 197 -13.43 -5.01 4.60
CA LYS A 197 -12.06 -4.53 4.48
C LYS A 197 -11.08 -5.65 4.83
N HIS A 198 -10.52 -6.29 3.79
CA HIS A 198 -9.57 -7.38 3.97
C HIS A 198 -8.23 -6.87 4.47
N LEU A 199 -7.68 -7.51 5.49
CA LEU A 199 -6.41 -6.97 6.01
C LEU A 199 -5.37 -8.06 5.89
N ALA A 200 -4.27 -7.78 5.25
CA ALA A 200 -3.17 -8.73 5.06
C ALA A 200 -1.94 -8.13 5.75
N ILE A 201 -1.53 -8.74 6.88
CA ILE A 201 -0.30 -8.30 7.54
C ILE A 201 0.86 -9.14 7.04
N MSE A 202 1.95 -8.48 6.66
CA MSE A 202 3.05 -9.13 5.97
C MSE A 202 4.29 -8.83 6.79
O MSE A 202 4.60 -7.67 7.03
CB MSE A 202 3.21 -8.59 4.56
CG MSE A 202 1.85 -8.53 3.77
SE MSE A 202 1.99 -7.87 1.98
CE MSE A 202 2.16 -9.57 1.12
N GLU A 203 5.00 -9.88 7.23
CA GLU A 203 6.18 -9.60 8.03
C GLU A 203 7.30 -10.55 7.59
N GLY A 204 8.54 -10.18 7.77
CA GLY A 204 9.64 -11.05 7.32
C GLY A 204 10.60 -10.88 8.50
N SER A 205 11.53 -10.01 8.19
CA SER A 205 12.53 -9.51 9.12
C SER A 205 13.13 -10.75 9.76
N ALA A 206 12.56 -11.19 10.86
CA ALA A 206 12.90 -12.43 11.54
C ALA A 206 12.74 -13.60 10.58
N GLY A 218 6.24 -13.70 19.15
CA GLY A 218 6.67 -12.37 19.60
C GLY A 218 5.94 -11.26 18.86
N VAL A 219 6.57 -10.76 17.80
CA VAL A 219 5.85 -10.10 16.72
C VAL A 219 4.76 -11.09 16.30
N LEU A 220 5.17 -12.38 16.19
CA LEU A 220 4.20 -13.37 15.73
C LEU A 220 3.11 -13.64 16.74
N SER A 221 3.41 -13.55 18.04
CA SER A 221 2.41 -13.66 19.06
C SER A 221 1.33 -12.59 18.91
N LYS A 222 1.77 -11.37 18.73
CA LYS A 222 0.89 -10.23 18.54
C LYS A 222 0.01 -10.44 17.32
N ILE A 223 0.64 -10.95 16.26
CA ILE A 223 -0.17 -11.12 15.04
C ILE A 223 -1.16 -12.23 15.21
N HIS A 224 -0.80 -13.34 15.88
CA HIS A 224 -1.81 -14.37 15.99
C HIS A 224 -2.97 -13.90 16.84
N THR A 225 -2.70 -13.15 17.92
CA THR A 225 -3.86 -12.68 18.67
C THR A 225 -4.69 -11.73 17.81
N THR A 226 -3.97 -10.88 17.07
CA THR A 226 -4.65 -9.90 16.23
C THR A 226 -5.60 -10.61 15.26
N LEU A 227 -5.10 -11.62 14.58
CA LEU A 227 -5.97 -12.39 13.68
C LEU A 227 -7.16 -13.02 14.37
N THR A 228 -6.93 -13.57 15.57
CA THR A 228 -7.95 -14.22 16.34
C THR A 228 -9.07 -13.23 16.69
N ILE A 229 -8.70 -12.08 17.25
CA ILE A 229 -9.71 -11.08 17.59
C ILE A 229 -10.41 -10.57 16.33
N LEU A 230 -9.65 -10.29 15.27
CA LEU A 230 -10.34 -9.73 14.07
C LEU A 230 -11.30 -10.74 13.49
N LYS A 231 -10.93 -12.00 13.45
CA LYS A 231 -11.86 -13.03 12.96
C LYS A 231 -13.13 -13.06 13.76
N ASP A 232 -12.94 -12.97 15.10
CA ASP A 232 -14.12 -12.94 15.95
C ASP A 232 -15.01 -11.72 15.63
N LYS A 233 -14.39 -10.64 15.19
CA LYS A 233 -15.12 -9.43 14.85
C LYS A 233 -15.62 -9.45 13.41
N GLY A 234 -15.45 -10.57 12.71
CA GLY A 234 -16.05 -10.69 11.38
C GLY A 234 -15.15 -10.23 10.25
N VAL A 235 -13.85 -10.01 10.50
CA VAL A 235 -12.90 -9.51 9.54
C VAL A 235 -12.11 -10.62 8.85
N ASN A 236 -11.93 -10.49 7.54
CA ASN A 236 -11.04 -11.39 6.80
C ASN A 236 -9.62 -10.85 6.99
N ALA A 237 -8.89 -11.44 7.92
CA ALA A 237 -7.50 -10.96 8.18
C ALA A 237 -6.54 -12.13 8.02
N VAL A 238 -5.41 -11.95 7.40
CA VAL A 238 -4.48 -13.01 7.13
C VAL A 238 -3.08 -12.52 7.40
N PHE A 239 -2.17 -13.48 7.55
CA PHE A 239 -0.77 -13.17 7.75
C PHE A 239 0.10 -13.76 6.63
N TRP A 240 0.96 -13.02 6.02
CA TRP A 240 1.94 -13.49 5.04
C TRP A 240 3.30 -13.41 5.72
N ASP A 241 3.95 -14.56 5.84
CA ASP A 241 5.26 -14.61 6.47
C ASP A 241 6.37 -14.80 5.44
N PHE A 242 7.43 -14.04 5.46
CA PHE A 242 8.57 -14.21 4.60
C PHE A 242 9.81 -14.42 5.47
N PRO A 243 9.99 -15.64 5.98
CA PRO A 243 10.94 -15.76 7.07
C PRO A 243 12.36 -15.34 6.74
N ASN A 244 12.94 -14.63 7.73
CA ASN A 244 14.35 -14.22 7.77
C ASN A 244 14.78 -13.29 6.67
N LEU A 245 13.87 -12.56 6.03
CA LEU A 245 14.30 -11.63 4.99
C LEU A 245 14.78 -10.28 5.51
N GLY A 246 15.82 -9.75 4.87
CA GLY A 246 16.26 -8.38 5.14
C GLY A 246 15.35 -7.36 4.50
N HIS A 247 15.62 -6.07 4.77
CA HIS A 247 14.70 -5.01 4.36
C HIS A 247 14.46 -4.97 2.86
N GLY A 248 15.52 -5.11 2.09
CA GLY A 248 15.38 -4.99 0.62
C GLY A 248 14.60 -6.18 0.08
N PRO A 249 14.99 -7.39 0.34
CA PRO A 249 14.20 -8.55 -0.10
C PRO A 249 12.82 -8.48 0.44
N MSE A 250 12.50 -8.04 1.67
CA MSE A 250 11.14 -7.95 2.13
C MSE A 250 10.31 -6.86 1.42
O MSE A 250 9.13 -7.13 1.21
CB MSE A 250 11.23 -7.57 3.64
CG MSE A 250 9.81 -7.42 4.20
SE MSE A 250 8.84 -9.12 4.21
CE MSE A 250 7.27 -8.29 4.79
N PHE A 251 10.93 -5.73 1.13
CA PHE A 251 10.22 -4.70 0.33
C PHE A 251 9.73 -5.36 -0.97
N ASN A 252 10.68 -6.06 -1.59
CA ASN A 252 10.37 -6.73 -2.87
C ASN A 252 9.31 -7.77 -2.71
N ALA A 253 9.49 -8.71 -1.76
CA ALA A 253 8.57 -9.80 -1.57
C ALA A 253 7.15 -9.35 -1.32
N SER A 254 7.04 -8.36 -0.42
CA SER A 254 5.69 -7.96 0.00
C SER A 254 4.99 -7.19 -1.17
N PHE A 255 5.72 -6.33 -1.87
CA PHE A 255 4.94 -5.62 -2.93
C PHE A 255 4.63 -6.63 -4.03
N ARG A 256 5.57 -7.51 -4.36
CA ARG A 256 5.26 -8.42 -5.50
C ARG A 256 4.20 -9.38 -5.10
N GLN A 257 4.20 -9.93 -3.88
CA GLN A 257 3.18 -10.87 -3.47
C GLN A 257 1.81 -10.20 -3.37
N ALA A 258 1.81 -8.91 -2.97
CA ALA A 258 0.51 -8.21 -2.97
C ALA A 258 -0.04 -8.08 -4.40
N LEU A 259 0.84 -7.71 -5.31
CA LEU A 259 0.31 -7.67 -6.70
C LEU A 259 -0.20 -9.03 -7.14
N LEU A 260 0.59 -10.07 -6.85
CA LEU A 260 0.18 -11.42 -7.29
C LEU A 260 -1.13 -11.83 -6.66
N ASP A 261 -1.29 -11.51 -5.36
CA ASP A 261 -2.53 -11.84 -4.68
C ASP A 261 -3.73 -11.12 -5.30
N ILE A 262 -3.58 -9.80 -5.56
CA ILE A 262 -4.77 -9.07 -6.06
C ILE A 262 -5.04 -9.50 -7.53
N SER A 263 -4.04 -10.02 -8.21
CA SER A 263 -4.30 -10.54 -9.59
C SER A 263 -5.06 -11.85 -9.51
N GLY A 264 -5.31 -12.48 -8.36
CA GLY A 264 -6.02 -13.75 -8.32
C GLY A 264 -5.24 -14.99 -8.08
N GLU A 265 -3.96 -14.87 -7.68
CA GLU A 265 -3.18 -16.10 -7.46
C GLU A 265 -3.77 -16.99 -6.40
C1 DFP B . 12.81 0.47 7.21
C2 DFP B . 14.07 1.19 7.69
C3 DFP B . 13.07 -0.41 5.99
C1' DFP B . 10.50 3.23 9.94
C2' DFP B . 9.48 2.42 10.68
C3' DFP B . 11.61 3.65 10.96
P DFP B . 10.65 2.05 7.57
O1P DFP B . 11.91 1.55 6.78
O2P DFP B . 11.17 2.42 9.01
O3P DFP B . 9.95 3.21 6.88
#